data_3BV9
#
_entry.id   3BV9
#
_cell.length_a   80.907
_cell.length_b   80.907
_cell.length_c   183.718
_cell.angle_alpha   90.00
_cell.angle_beta   90.00
_cell.angle_gamma   120.00
#
_symmetry.space_group_name_H-M   'P 61 2 2'
#
loop_
_entity.id
_entity.type
_entity.pdbx_description
1 polymer 'Thrombin light chain'
2 polymer 'Thrombin heavy chain'
3 polymer 'FM19 inhibitor'
4 non-polymer 'IODIDE ION'
5 non-polymer 'SODIUM ION'
6 non-polymer GLYCEROL
7 water water
#
loop_
_entity_poly.entity_id
_entity_poly.type
_entity_poly.pdbx_seq_one_letter_code
_entity_poly.pdbx_strand_id
1 'polypeptide(L)' EADCGLRPLFEKKSLEDKTERELLESYIDGR A
2 'polypeptide(L)'
;IVEGSDAEIGMSPWQVMLFRKSPQELLCGASLISDRWVLTAAHCLLYPPWDKNFTENDLLVRIGKHSRTRYEANIEKISM
LEKIYIHPRYNWRENLDRDIALMKLKKPVAFSDYIHPVCLPDRETAASLLQAGYKGRVTGWGNLKETWTANVGKGQPSVL
QVVNLPIVERPVCKDSTRIRITDNMFCAGYKPDEGKRGDACEGDSGGPFVMKSPFNNRWYQMGIVSWGEGCDRDGKYGFY
THVFRLKKWIQKVIDQFGE
;
B
3 'polypeptide(L)' (DAR)(OIC)P(DAL)(4PH)(NH2) C
#
# COMPACT_ATOMS: atom_id res chain seq x y z
N GLU A 1 10.85 -17.59 -4.80
CA GLU A 1 9.80 -16.54 -4.62
C GLU A 1 8.66 -16.67 -5.64
N ALA A 2 8.66 -17.78 -6.36
CA ALA A 2 7.64 -18.02 -7.35
C ALA A 2 7.76 -17.05 -8.54
N ASP A 3 6.66 -16.39 -8.85
CA ASP A 3 6.62 -15.46 -9.97
C ASP A 3 6.21 -14.07 -9.48
N CYS A 4 6.35 -13.85 -8.18
CA CYS A 4 5.97 -12.58 -7.57
C CYS A 4 6.67 -11.39 -8.17
N GLY A 5 5.96 -10.26 -8.18
CA GLY A 5 6.51 -9.02 -8.67
C GLY A 5 6.81 -8.86 -10.13
N LEU A 6 6.42 -9.82 -10.96
CA LEU A 6 6.67 -9.68 -12.40
C LEU A 6 5.30 -9.55 -13.01
N ARG A 7 4.95 -8.35 -13.46
CA ARG A 7 3.62 -8.14 -13.97
C ARG A 7 3.37 -8.69 -15.35
N PRO A 8 2.23 -9.39 -15.52
CA PRO A 8 1.87 -9.98 -16.80
C PRO A 8 1.82 -9.00 -17.97
N LEU A 9 1.41 -7.76 -17.73
CA LEU A 9 1.30 -6.79 -18.83
C LEU A 9 2.51 -5.87 -19.00
N PHE A 10 3.52 -6.05 -18.14
CA PHE A 10 4.72 -5.24 -18.23
C PHE A 10 5.99 -6.11 -18.30
N GLU A 11 6.57 -6.45 -17.15
CA GLU A 11 7.80 -7.28 -17.16
C GLU A 11 7.70 -8.56 -18.01
N LYS A 12 6.59 -9.29 -17.90
CA LYS A 12 6.43 -10.54 -18.65
C LYS A 12 6.41 -10.34 -20.16
N LYS A 13 6.12 -9.12 -20.59
CA LYS A 13 6.05 -8.76 -21.99
C LYS A 13 7.17 -7.79 -22.40
N SER A 14 8.10 -7.54 -21.50
CA SER A 14 9.19 -6.62 -21.80
C SER A 14 8.66 -5.23 -22.12
N LEU A 15 7.62 -4.80 -21.41
CA LEU A 15 7.05 -3.48 -21.60
C LEU A 15 7.27 -2.72 -20.29
N GLU A 16 7.56 -1.43 -20.38
CA GLU A 16 7.77 -0.65 -19.17
C GLU A 16 6.60 0.28 -18.98
N ASP A 17 6.20 0.51 -17.74
CA ASP A 17 5.10 1.44 -17.51
C ASP A 17 5.69 2.85 -17.62
N LYS A 18 4.82 3.86 -17.68
CA LYS A 18 5.25 5.24 -17.89
C LYS A 18 6.16 5.91 -16.89
N THR A 19 6.18 5.42 -15.64
CA THR A 19 7.01 6.06 -14.65
C THR A 19 8.04 5.21 -13.94
N GLU A 20 8.18 3.92 -14.27
CA GLU A 20 9.17 3.14 -13.56
C GLU A 20 10.59 3.64 -13.77
N ARG A 21 10.85 4.23 -14.92
CA ARG A 21 12.18 4.77 -15.19
C ARG A 21 12.55 5.84 -14.13
N GLU A 22 11.57 6.59 -13.65
CA GLU A 22 11.84 7.61 -12.62
C GLU A 22 12.33 6.92 -11.35
N LEU A 23 11.79 5.73 -11.07
CA LEU A 23 12.20 4.96 -9.90
C LEU A 23 13.65 4.49 -10.08
N LEU A 24 13.94 3.93 -11.26
CA LEU A 24 15.28 3.41 -11.54
C LEU A 24 16.30 4.55 -11.45
N GLU A 25 16.01 5.67 -12.09
CA GLU A 25 16.89 6.82 -12.05
C GLU A 25 17.17 7.32 -10.63
N SER A 26 16.22 7.14 -9.70
CA SER A 26 16.44 7.63 -8.34
C SER A 26 17.50 6.80 -7.57
N TYR A 27 17.91 5.66 -8.10
CA TYR A 27 18.95 4.90 -7.39
C TYR A 27 20.33 5.47 -7.69
N ILE A 28 20.33 6.60 -8.40
CA ILE A 28 21.55 7.30 -8.78
C ILE A 28 21.55 8.70 -8.14
N ASP A 29 20.39 9.33 -8.15
CA ASP A 29 20.21 10.67 -7.57
C ASP A 29 19.83 10.55 -6.08
N ILE B 1 -5.00 9.52 -3.00
CA ILE B 1 -3.60 9.88 -3.44
C ILE B 1 -3.68 11.30 -3.96
N VAL B 2 -2.81 12.15 -3.43
CA VAL B 2 -2.77 13.55 -3.83
C VAL B 2 -1.66 13.73 -4.84
N GLU B 3 -1.95 14.48 -5.90
CA GLU B 3 -1.01 14.78 -6.96
C GLU B 3 -0.48 13.54 -7.68
N GLY B 4 -1.33 12.53 -7.81
CA GLY B 4 -0.90 11.34 -8.51
C GLY B 4 -1.52 11.32 -9.90
N SER B 5 -1.44 10.20 -10.58
CA SER B 5 -2.05 10.09 -11.90
C SER B 5 -2.75 8.73 -12.00
N ASP B 6 -3.62 8.59 -12.99
CA ASP B 6 -4.31 7.33 -13.23
C ASP B 6 -3.30 6.20 -13.45
N ALA B 7 -3.61 5.03 -12.90
CA ALA B 7 -2.76 3.86 -13.09
C ALA B 7 -2.98 3.35 -14.52
N GLU B 8 -1.95 2.77 -15.11
CA GLU B 8 -2.10 2.16 -16.44
C GLU B 8 -2.81 0.84 -16.15
N ILE B 9 -3.44 0.25 -17.16
CA ILE B 9 -4.10 -1.05 -16.99
C ILE B 9 -3.06 -2.12 -16.61
N GLY B 10 -3.38 -2.88 -15.55
CA GLY B 10 -2.47 -3.93 -15.09
C GLY B 10 -1.17 -3.43 -14.46
N MET B 11 -1.13 -2.14 -14.12
CA MET B 11 0.07 -1.53 -13.54
C MET B 11 0.36 -1.98 -12.11
N SER B 12 -0.68 -2.24 -11.34
CA SER B 12 -0.52 -2.65 -9.96
C SER B 12 -1.46 -3.85 -9.75
N PRO B 13 -1.16 -5.00 -10.38
CA PRO B 13 -2.02 -6.17 -10.25
C PRO B 13 -2.14 -6.79 -8.87
N TRP B 14 -1.35 -6.31 -7.90
CA TRP B 14 -1.46 -6.82 -6.53
C TRP B 14 -2.41 -5.93 -5.72
N GLN B 15 -2.97 -4.91 -6.37
CA GLN B 15 -3.87 -4.01 -5.64
C GLN B 15 -5.14 -4.70 -5.17
N VAL B 16 -5.49 -4.52 -3.90
CA VAL B 16 -6.69 -5.13 -3.35
C VAL B 16 -7.52 -4.04 -2.65
N MET B 17 -8.83 -4.12 -2.76
CA MET B 17 -9.74 -3.17 -2.09
C MET B 17 -10.39 -3.89 -0.92
N LEU B 18 -10.38 -3.25 0.26
CA LEU B 18 -11.00 -3.85 1.44
C LEU B 18 -12.34 -3.16 1.71
N PHE B 19 -13.42 -3.95 1.72
CA PHE B 19 -14.77 -3.42 1.94
C PHE B 19 -15.43 -3.97 3.19
N ARG B 20 -16.29 -3.14 3.80
CA ARG B 20 -17.11 -3.58 4.92
C ARG B 20 -18.32 -4.19 4.18
N LYS B 21 -18.88 -5.30 4.66
CA LYS B 21 -20.01 -5.94 3.98
C LYS B 21 -21.33 -5.16 3.99
N SER B 22 -21.73 -4.76 5.19
CA SER B 22 -23.01 -4.07 5.35
C SER B 22 -22.93 -3.08 6.51
N PRO B 23 -23.20 -1.80 6.24
CA PRO B 23 -23.55 -1.38 4.88
C PRO B 23 -22.29 -1.43 4.02
N GLN B 24 -22.46 -1.82 2.76
CA GLN B 24 -21.34 -1.93 1.84
C GLN B 24 -20.52 -0.62 1.81
N GLU B 25 -19.21 -0.70 2.03
CA GLU B 25 -18.39 0.52 2.05
C GLU B 25 -16.90 0.26 1.84
N LEU B 26 -16.27 1.06 0.98
CA LEU B 26 -14.83 0.90 0.72
C LEU B 26 -14.08 1.42 1.92
N LEU B 27 -13.30 0.57 2.56
CA LEU B 27 -12.59 0.97 3.76
C LEU B 27 -11.14 1.34 3.66
N CYS B 28 -10.39 0.57 2.90
CA CYS B 28 -8.94 0.75 2.86
C CYS B 28 -8.37 0.08 1.63
N GLY B 29 -7.06 0.26 1.46
CA GLY B 29 -6.35 -0.42 0.38
C GLY B 29 -5.70 -1.63 1.04
N ALA B 30 -5.09 -2.49 0.23
CA ALA B 30 -4.46 -3.73 0.68
C ALA B 30 -3.67 -4.28 -0.49
N SER B 31 -2.94 -5.37 -0.29
CA SER B 31 -2.14 -5.93 -1.39
C SER B 31 -2.15 -7.45 -1.38
N LEU B 32 -2.02 -8.04 -2.57
CA LEU B 32 -2.01 -9.49 -2.72
C LEU B 32 -0.54 -9.96 -2.67
N ILE B 33 -0.22 -10.86 -1.73
CA ILE B 33 1.14 -11.38 -1.66
C ILE B 33 1.23 -12.86 -2.01
N SER B 34 0.07 -13.48 -2.26
CA SER B 34 0.02 -14.91 -2.69
C SER B 34 -1.41 -15.16 -3.13
N ASP B 35 -1.76 -16.39 -3.52
CA ASP B 35 -3.13 -16.62 -3.95
C ASP B 35 -4.13 -16.70 -2.80
N ARG B 36 -3.65 -16.67 -1.57
CA ARG B 36 -4.60 -16.71 -0.46
C ARG B 36 -4.32 -15.71 0.64
N TRP B 37 -3.28 -14.90 0.49
CA TRP B 37 -2.94 -13.92 1.53
C TRP B 37 -2.92 -12.48 1.05
N VAL B 38 -3.55 -11.62 1.85
CA VAL B 38 -3.62 -10.21 1.57
C VAL B 38 -3.03 -9.42 2.73
N LEU B 39 -2.18 -8.45 2.42
CA LEU B 39 -1.52 -7.61 3.41
C LEU B 39 -2.20 -6.24 3.53
N THR B 40 -2.38 -5.75 4.75
CA THR B 40 -2.98 -4.44 4.92
C THR B 40 -2.51 -3.83 6.22
N ALA B 41 -3.05 -2.67 6.57
CA ALA B 41 -2.67 -2.04 7.82
C ALA B 41 -3.58 -2.50 8.95
N ALA B 42 -2.98 -2.76 10.11
CA ALA B 42 -3.73 -3.17 11.28
C ALA B 42 -4.83 -2.12 11.60
N HIS B 43 -4.52 -0.82 11.45
CA HIS B 43 -5.55 0.18 11.80
C HIS B 43 -6.80 0.15 10.90
N CYS B 44 -6.70 -0.53 9.76
CA CYS B 44 -7.85 -0.67 8.90
C CYS B 44 -8.88 -1.63 9.49
N LEU B 45 -8.41 -2.54 10.34
CA LEU B 45 -9.24 -3.57 10.96
C LEU B 45 -9.56 -3.28 12.45
N LEU B 46 -8.59 -2.74 13.16
CA LEU B 46 -8.78 -2.47 14.58
C LEU B 46 -8.34 -1.07 14.95
N TYR B 47 -9.29 -0.16 15.09
CA TYR B 47 -8.97 1.22 15.45
C TYR B 47 -10.25 2.01 15.72
N PRO B 48 -10.75 1.95 16.97
CA PRO B 48 -11.96 2.62 17.47
C PRO B 48 -12.10 4.10 17.10
N PRO B 49 -11.05 4.90 17.31
CA PRO B 49 -11.09 6.33 16.99
C PRO B 49 -11.43 6.66 15.53
N TRP B 50 -11.31 5.67 14.65
CA TRP B 50 -11.60 5.86 13.22
C TRP B 50 -12.70 4.91 12.77
N ASP B 51 -13.58 4.56 13.70
CA ASP B 51 -14.68 3.64 13.41
C ASP B 51 -14.22 2.34 12.76
N LYS B 52 -13.04 1.86 13.17
CA LYS B 52 -12.49 0.61 12.66
C LYS B 52 -12.43 -0.45 13.78
N ASN B 53 -13.02 -1.60 13.50
CA ASN B 53 -13.06 -2.75 14.39
C ASN B 53 -13.86 -3.84 13.67
N PHE B 54 -13.15 -4.74 13.01
CA PHE B 54 -13.80 -5.77 12.23
C PHE B 54 -13.13 -7.12 12.31
N THR B 55 -13.92 -8.17 12.12
CA THR B 55 -13.40 -9.53 12.10
C THR B 55 -13.61 -9.95 10.65
N GLU B 56 -13.22 -11.17 10.33
CA GLU B 56 -13.38 -11.69 8.98
C GLU B 56 -14.83 -11.71 8.50
N ASN B 57 -15.80 -11.79 9.41
CA ASN B 57 -17.18 -11.82 8.95
C ASN B 57 -17.78 -10.48 8.56
N ASP B 58 -17.08 -9.40 8.91
CA ASP B 58 -17.53 -8.04 8.59
C ASP B 58 -16.98 -7.53 7.25
N LEU B 59 -16.07 -8.29 6.64
CA LEU B 59 -15.36 -7.81 5.46
C LEU B 59 -15.34 -8.69 4.23
N LEU B 60 -14.90 -8.08 3.11
CA LEU B 60 -14.71 -8.79 1.87
C LEU B 60 -13.66 -7.99 1.09
N VAL B 61 -13.10 -8.58 0.04
CA VAL B 61 -12.15 -7.81 -0.76
C VAL B 61 -12.49 -7.93 -2.24
N ARG B 62 -12.08 -6.94 -3.02
CA ARG B 62 -12.26 -7.02 -4.44
C ARG B 62 -10.85 -6.87 -5.00
N ILE B 63 -10.52 -7.77 -5.91
CA ILE B 63 -9.20 -7.87 -6.51
C ILE B 63 -9.24 -7.71 -8.03
N GLY B 64 -8.22 -7.07 -8.60
CA GLY B 64 -8.16 -6.89 -10.04
C GLY B 64 -8.90 -5.66 -10.56
N LYS B 65 -9.30 -4.76 -9.67
CA LYS B 65 -10.05 -3.59 -10.11
C LYS B 65 -9.17 -2.45 -10.58
N HIS B 66 -9.76 -1.65 -11.45
CA HIS B 66 -9.12 -0.46 -12.02
C HIS B 66 -10.03 0.73 -11.73
N SER B 67 -11.32 0.56 -12.00
CA SER B 67 -12.27 1.65 -11.76
C SER B 67 -13.21 1.38 -10.57
N ARG B 68 -13.22 2.30 -9.60
CA ARG B 68 -14.07 2.22 -8.38
C ARG B 68 -15.56 2.01 -8.68
N THR B 69 -16.04 2.80 -9.62
CA THR B 69 -17.45 2.86 -9.97
C THR B 69 -18.04 2.01 -11.10
N ARG B 70 -17.25 1.15 -11.72
CA ARG B 70 -17.75 0.32 -12.83
C ARG B 70 -17.53 -1.13 -12.45
N TYR B 71 -18.47 -2.03 -12.74
CA TYR B 71 -18.23 -3.43 -12.45
C TYR B 71 -17.41 -3.90 -13.64
N GLU B 72 -16.24 -4.49 -13.39
CA GLU B 72 -15.38 -4.90 -14.51
C GLU B 72 -15.53 -6.41 -14.75
N ALA B 73 -16.57 -6.74 -15.52
CA ALA B 73 -16.94 -8.13 -15.82
C ALA B 73 -15.81 -8.96 -16.38
N ASN B 74 -15.63 -10.14 -15.80
CA ASN B 74 -14.62 -11.09 -16.24
C ASN B 74 -13.19 -10.70 -15.93
N ILE B 75 -13.01 -9.68 -15.11
CA ILE B 75 -11.69 -9.25 -14.70
C ILE B 75 -11.64 -9.20 -13.19
N GLU B 76 -12.49 -8.39 -12.58
CA GLU B 76 -12.46 -8.31 -11.13
C GLU B 76 -12.96 -9.57 -10.41
N LYS B 77 -12.40 -9.85 -9.24
CA LYS B 77 -12.79 -11.02 -8.45
C LYS B 77 -13.14 -10.55 -7.06
N ILE B 78 -14.04 -11.29 -6.42
CA ILE B 78 -14.47 -10.90 -5.08
C ILE B 78 -14.23 -12.08 -4.15
N SER B 79 -13.89 -11.81 -2.90
CA SER B 79 -13.63 -12.94 -2.02
C SER B 79 -13.94 -12.65 -0.56
N MET B 80 -14.40 -13.68 0.14
CA MET B 80 -14.66 -13.59 1.56
C MET B 80 -13.30 -13.86 2.23
N LEU B 81 -13.20 -13.52 3.50
CA LEU B 81 -11.99 -13.74 4.26
C LEU B 81 -12.23 -14.86 5.25
N GLU B 82 -11.31 -15.82 5.27
CA GLU B 82 -11.42 -16.94 6.19
C GLU B 82 -11.03 -16.46 7.59
N LYS B 83 -9.98 -15.65 7.66
CA LYS B 83 -9.52 -15.14 8.95
C LYS B 83 -8.61 -13.96 8.77
N ILE B 84 -8.57 -13.13 9.80
CA ILE B 84 -7.76 -11.93 9.83
C ILE B 84 -6.74 -12.11 10.95
N TYR B 85 -5.54 -11.55 10.78
CA TYR B 85 -4.48 -11.64 11.79
C TYR B 85 -3.80 -10.30 11.97
N ILE B 86 -3.71 -9.83 13.21
CA ILE B 86 -3.07 -8.56 13.48
C ILE B 86 -1.79 -8.83 14.26
N HIS B 87 -0.75 -8.07 13.98
CA HIS B 87 0.51 -8.28 14.68
C HIS B 87 0.23 -8.24 16.20
N PRO B 88 0.71 -9.25 16.95
CA PRO B 88 0.47 -9.26 18.40
C PRO B 88 0.94 -8.04 19.17
N ARG B 89 2.00 -7.38 18.67
CA ARG B 89 2.54 -6.20 19.34
C ARG B 89 2.05 -4.90 18.72
N TYR B 90 1.04 -4.98 17.86
CA TYR B 90 0.50 -3.76 17.24
C TYR B 90 0.03 -2.80 18.33
N ASN B 91 0.53 -1.57 18.23
CA ASN B 91 0.27 -0.49 19.20
C ASN B 91 -0.65 0.64 18.71
N TRP B 92 -1.95 0.58 18.96
CA TRP B 92 -2.77 1.69 18.48
C TRP B 92 -2.82 2.86 19.45
N ARG B 93 -2.85 2.53 20.73
CA ARG B 93 -2.88 3.56 21.76
C ARG B 93 -1.59 4.42 21.83
N GLU B 94 -0.79 4.35 20.77
CA GLU B 94 0.44 5.14 20.58
C GLU B 94 1.12 4.84 19.27
N ASN B 95 1.30 5.89 18.47
CA ASN B 95 1.95 5.90 17.16
C ASN B 95 1.74 4.79 16.12
N LEU B 96 0.87 3.80 16.39
CA LEU B 96 0.61 2.74 15.43
C LEU B 96 1.84 1.91 15.06
N ASP B 97 2.70 1.64 16.04
CA ASP B 97 3.91 0.84 15.79
C ASP B 97 3.45 -0.57 15.36
N ARG B 98 4.14 -1.14 14.37
CA ARG B 98 3.76 -2.46 13.86
C ARG B 98 2.32 -2.43 13.32
N ASP B 99 2.05 -1.46 12.46
CA ASP B 99 0.71 -1.29 11.87
C ASP B 99 0.57 -2.25 10.68
N ILE B 100 0.37 -3.52 10.98
CA ILE B 100 0.28 -4.52 9.94
C ILE B 100 -0.69 -5.62 10.30
N ALA B 101 -1.33 -6.14 9.26
CA ALA B 101 -2.30 -7.22 9.45
C ALA B 101 -2.33 -8.08 8.20
N LEU B 102 -2.68 -9.34 8.37
CA LEU B 102 -2.78 -10.25 7.24
C LEU B 102 -4.22 -10.75 7.19
N MET B 103 -4.69 -11.03 5.99
CA MET B 103 -6.04 -11.55 5.80
C MET B 103 -5.97 -12.74 4.88
N LYS B 104 -6.55 -13.85 5.32
CA LYS B 104 -6.53 -15.07 4.51
C LYS B 104 -7.86 -15.15 3.76
N LEU B 105 -7.77 -15.37 2.45
CA LEU B 105 -8.97 -15.46 1.59
C LEU B 105 -9.62 -16.82 1.84
N LYS B 106 -10.95 -16.90 1.75
CA LYS B 106 -11.66 -18.18 1.96
C LYS B 106 -11.37 -19.20 0.87
N LYS B 107 -10.99 -18.70 -0.29
CA LYS B 107 -10.63 -19.56 -1.41
C LYS B 107 -9.48 -18.88 -2.15
N PRO B 108 -8.64 -19.63 -2.85
CA PRO B 108 -7.54 -18.97 -3.57
C PRO B 108 -8.11 -18.17 -4.73
N VAL B 109 -7.51 -17.01 -5.04
CA VAL B 109 -7.97 -16.21 -6.15
C VAL B 109 -7.12 -16.63 -7.34
N ALA B 110 -7.71 -16.63 -8.53
CA ALA B 110 -7.00 -17.02 -9.74
C ALA B 110 -6.18 -15.85 -10.23
N PHE B 111 -4.92 -16.10 -10.59
CA PHE B 111 -4.08 -15.05 -11.12
C PHE B 111 -4.45 -14.84 -12.59
N SER B 112 -4.23 -13.64 -13.09
CA SER B 112 -4.56 -13.28 -14.48
C SER B 112 -3.67 -12.11 -14.86
N ASP B 113 -3.94 -11.47 -16.00
CA ASP B 113 -3.16 -10.32 -16.39
C ASP B 113 -3.36 -9.15 -15.40
N TYR B 114 -4.47 -9.20 -14.67
CA TYR B 114 -4.84 -8.12 -13.77
C TYR B 114 -4.71 -8.41 -12.28
N ILE B 115 -4.41 -9.66 -11.96
CA ILE B 115 -4.32 -10.11 -10.58
C ILE B 115 -3.01 -10.88 -10.48
N HIS B 116 -2.09 -10.41 -9.65
CA HIS B 116 -0.78 -11.04 -9.56
C HIS B 116 -0.11 -10.57 -8.29
N PRO B 117 0.53 -11.47 -7.52
CA PRO B 117 1.17 -11.05 -6.27
C PRO B 117 2.45 -10.22 -6.35
N VAL B 118 2.66 -9.41 -5.33
CA VAL B 118 3.85 -8.57 -5.22
C VAL B 118 4.82 -9.39 -4.33
N CYS B 119 6.13 -9.13 -4.44
CA CYS B 119 7.12 -9.86 -3.64
C CYS B 119 7.33 -9.17 -2.31
N LEU B 120 7.76 -9.92 -1.30
CA LEU B 120 8.09 -9.34 0.01
C LEU B 120 9.61 -9.24 0.07
N PRO B 121 10.17 -8.16 0.61
CA PRO B 121 11.62 -8.05 0.65
C PRO B 121 12.42 -9.04 1.51
N ASP B 122 13.65 -9.31 1.06
CA ASP B 122 14.59 -10.14 1.81
C ASP B 122 15.62 -9.12 2.33
N ARG B 123 16.54 -9.54 3.17
CA ARG B 123 17.53 -8.62 3.73
C ARG B 123 18.28 -7.82 2.67
N GLU B 124 18.74 -8.48 1.62
CA GLU B 124 19.51 -7.77 0.60
C GLU B 124 18.72 -6.66 -0.10
N THR B 125 17.44 -6.92 -0.35
CA THR B 125 16.61 -5.93 -1.02
C THR B 125 16.38 -4.71 -0.12
N ALA B 126 16.09 -5.00 1.13
CA ALA B 126 15.85 -3.98 2.15
C ALA B 126 17.12 -3.16 2.35
N ALA B 127 18.25 -3.83 2.51
CA ALA B 127 19.52 -3.15 2.71
C ALA B 127 19.89 -2.28 1.51
N SER B 128 19.62 -2.76 0.30
CA SER B 128 19.99 -1.96 -0.85
C SER B 128 18.98 -0.92 -1.36
N LEU B 129 17.69 -1.11 -1.13
CA LEU B 129 16.73 -0.13 -1.65
C LEU B 129 16.18 0.88 -0.65
N LEU B 130 16.18 0.55 0.63
CA LEU B 130 15.67 1.49 1.64
C LEU B 130 16.72 2.55 2.00
N GLN B 131 16.94 3.48 1.06
CA GLN B 131 17.92 4.57 1.18
C GLN B 131 17.21 5.90 0.94
N ALA B 132 17.64 6.94 1.64
CA ALA B 132 17.03 8.23 1.47
C ALA B 132 17.21 8.65 0.01
N GLY B 133 16.17 9.21 -0.58
CA GLY B 133 16.25 9.66 -1.96
C GLY B 133 15.78 8.64 -3.00
N TYR B 134 15.79 7.36 -2.63
CA TYR B 134 15.34 6.31 -3.56
C TYR B 134 13.80 6.39 -3.59
N LYS B 135 13.20 6.26 -4.76
CA LYS B 135 11.75 6.38 -4.88
C LYS B 135 10.98 5.09 -4.89
N GLY B 136 9.79 5.14 -4.28
CA GLY B 136 8.89 4.01 -4.25
C GLY B 136 7.59 4.51 -4.85
N ARG B 137 6.61 3.63 -4.95
CA ARG B 137 5.34 3.96 -5.54
C ARG B 137 4.19 3.61 -4.61
N VAL B 138 3.26 4.55 -4.46
CA VAL B 138 2.10 4.36 -3.57
C VAL B 138 0.85 4.42 -4.44
N THR B 139 -0.10 3.54 -4.17
CA THR B 139 -1.30 3.45 -4.98
C THR B 139 -2.57 3.33 -4.15
N GLY B 140 -3.68 3.87 -4.65
CA GLY B 140 -4.92 3.70 -3.90
C GLY B 140 -6.07 4.50 -4.50
N TRP B 141 -7.25 4.29 -3.93
CA TRP B 141 -8.47 5.00 -4.37
C TRP B 141 -8.88 5.99 -3.28
N GLY B 142 -7.91 6.38 -2.45
CA GLY B 142 -8.18 7.37 -1.41
C GLY B 142 -8.45 8.76 -1.96
N ASN B 143 -8.66 9.70 -1.04
CA ASN B 143 -9.00 11.06 -1.43
C ASN B 143 -7.98 11.80 -2.25
N LEU B 144 -8.45 12.71 -3.08
CA LEU B 144 -7.57 13.49 -3.92
C LEU B 144 -6.97 14.72 -3.24
N LYS B 145 -7.54 15.12 -2.11
CA LYS B 145 -7.05 16.31 -1.40
C LYS B 145 -7.48 16.20 0.05
N GLU B 146 -6.72 16.83 0.93
CA GLU B 146 -7.05 16.80 2.35
C GLU B 146 -8.30 17.60 2.69
N THR B 147 -8.51 18.71 1.99
CA THR B 147 -9.60 19.61 2.30
C THR B 147 -10.76 19.69 1.31
N TRP B 148 -11.86 20.30 1.76
CA TRP B 148 -13.02 20.49 0.90
C TRP B 148 -13.49 21.95 0.95
N THR B 149 -14.18 22.38 -0.10
CA THR B 149 -14.71 23.73 -0.15
C THR B 149 -16.19 23.49 -0.39
N ALA B 150 -16.98 24.56 -0.47
CA ALA B 150 -18.41 24.40 -0.68
C ALA B 150 -18.70 23.70 -2.00
N ASN B 151 -17.87 23.91 -3.02
CA ASN B 151 -18.14 23.29 -4.33
C ASN B 151 -17.24 22.10 -4.72
N VAL B 152 -16.09 21.96 -4.09
CA VAL B 152 -15.18 20.86 -4.41
C VAL B 152 -14.94 20.03 -3.15
N GLY B 153 -15.35 18.77 -3.18
CA GLY B 153 -15.15 17.91 -2.02
C GLY B 153 -13.72 17.42 -2.00
N LYS B 154 -13.40 16.53 -1.05
CA LYS B 154 -12.06 15.99 -0.95
C LYS B 154 -11.74 15.18 -2.20
N GLY B 155 -12.78 14.71 -2.89
CA GLY B 155 -12.62 13.97 -4.12
C GLY B 155 -12.30 12.49 -4.01
N GLN B 156 -13.10 11.67 -4.69
CA GLN B 156 -12.88 10.22 -4.70
C GLN B 156 -12.69 9.81 -6.15
N PRO B 157 -11.46 9.43 -6.53
CA PRO B 157 -11.27 9.06 -7.94
C PRO B 157 -11.98 7.78 -8.33
N SER B 158 -12.35 7.66 -9.60
CA SER B 158 -12.94 6.39 -10.02
C SER B 158 -11.78 5.47 -10.42
N VAL B 159 -10.75 6.05 -11.02
CA VAL B 159 -9.64 5.20 -11.45
C VAL B 159 -8.53 5.13 -10.41
N LEU B 160 -7.94 3.96 -10.21
CA LEU B 160 -6.82 3.78 -9.27
C LEU B 160 -5.75 4.88 -9.46
N GLN B 161 -5.27 5.46 -8.38
CA GLN B 161 -4.26 6.53 -8.49
C GLN B 161 -2.87 6.02 -8.08
N VAL B 162 -1.82 6.65 -8.63
CA VAL B 162 -0.45 6.24 -8.35
C VAL B 162 0.45 7.46 -8.25
N VAL B 163 1.37 7.44 -7.30
CA VAL B 163 2.32 8.53 -7.20
C VAL B 163 3.67 7.95 -6.79
N ASN B 164 4.76 8.50 -7.33
CA ASN B 164 6.08 8.06 -6.94
C ASN B 164 6.65 9.07 -5.95
N LEU B 165 7.19 8.58 -4.84
CA LEU B 165 7.75 9.46 -3.80
C LEU B 165 9.08 8.95 -3.26
N PRO B 166 9.99 9.87 -2.94
CA PRO B 166 11.31 9.49 -2.40
C PRO B 166 11.30 9.20 -0.88
N ILE B 167 12.05 8.20 -0.47
CA ILE B 167 12.17 7.88 0.94
C ILE B 167 12.98 9.04 1.50
N VAL B 168 12.62 9.41 2.71
CA VAL B 168 13.23 10.55 3.40
C VAL B 168 14.14 10.10 4.55
N GLU B 169 15.21 10.87 4.77
CA GLU B 169 16.17 10.62 5.85
C GLU B 169 15.38 10.53 7.17
N ARG B 170 15.69 9.55 8.01
CA ARG B 170 14.92 9.39 9.25
C ARG B 170 14.90 10.60 10.18
N PRO B 171 16.03 11.32 10.32
CA PRO B 171 16.02 12.51 11.21
C PRO B 171 15.01 13.56 10.72
N VAL B 172 14.87 13.68 9.39
CA VAL B 172 13.92 14.66 8.80
C VAL B 172 12.50 14.21 9.12
N CYS B 173 12.22 12.92 8.96
CA CYS B 173 10.92 12.38 9.29
C CYS B 173 10.64 12.71 10.78
N LYS B 174 11.62 12.42 11.63
CA LYS B 174 11.42 12.67 13.05
C LYS B 174 11.17 14.14 13.41
N ASP B 175 11.89 15.04 12.75
CA ASP B 175 11.73 16.45 13.06
C ASP B 175 10.47 17.06 12.48
N SER B 176 9.86 16.38 11.53
CA SER B 176 8.65 16.88 10.89
C SER B 176 7.39 16.67 11.73
N THR B 177 7.48 15.89 12.79
CA THR B 177 6.28 15.63 13.58
C THR B 177 6.63 15.47 15.07
N ARG B 178 5.63 15.60 15.93
CA ARG B 178 5.85 15.41 17.35
C ARG B 178 5.53 13.97 17.70
N ILE B 179 4.84 13.27 16.80
CA ILE B 179 4.53 11.85 17.02
C ILE B 179 5.81 11.01 16.98
N ARG B 180 5.95 10.10 17.95
CA ARG B 180 7.15 9.28 18.00
C ARG B 180 7.24 8.29 16.84
N ILE B 181 8.44 8.13 16.30
CA ILE B 181 8.68 7.24 15.16
C ILE B 181 9.56 6.08 15.54
N THR B 182 9.12 4.86 15.22
CA THR B 182 9.89 3.67 15.54
C THR B 182 10.60 3.12 14.32
N ASP B 183 11.46 2.13 14.55
CA ASP B 183 12.21 1.51 13.47
C ASP B 183 11.30 0.59 12.65
N ASN B 184 10.02 0.53 13.02
CA ASN B 184 9.08 -0.31 12.27
C ASN B 184 8.28 0.52 11.28
N MET B 185 8.77 1.75 11.06
CA MET B 185 8.14 2.65 10.12
C MET B 185 9.18 3.50 9.39
N PHE B 186 8.81 4.01 8.22
CA PHE B 186 9.71 4.90 7.49
C PHE B 186 8.79 5.94 6.86
N CYS B 187 9.37 7.04 6.36
CA CYS B 187 8.54 8.06 5.75
C CYS B 187 9.06 8.39 4.38
N ALA B 188 8.16 8.89 3.54
CA ALA B 188 8.51 9.24 2.20
C ALA B 188 7.75 10.48 1.80
N GLY B 189 8.25 11.17 0.78
CA GLY B 189 7.59 12.38 0.30
C GLY B 189 8.65 13.39 -0.07
N TYR B 190 8.25 14.39 -0.83
CA TYR B 190 9.16 15.45 -1.27
C TYR B 190 9.28 16.53 -0.19
N LYS B 191 10.46 17.12 -0.09
CA LYS B 191 10.68 18.20 0.89
C LYS B 191 10.21 19.51 0.25
N PRO B 192 9.89 20.53 1.07
CA PRO B 192 9.43 21.77 0.44
C PRO B 192 10.52 22.27 -0.50
N ASP B 193 10.11 22.78 -1.64
CA ASP B 193 11.09 23.29 -2.58
C ASP B 193 12.02 22.24 -3.20
N GLU B 194 11.50 21.03 -3.35
CA GLU B 194 12.23 20.01 -4.08
C GLU B 194 11.33 20.21 -5.31
N GLY B 195 10.27 20.99 -5.08
CA GLY B 195 9.33 21.30 -6.14
C GLY B 195 8.13 20.37 -6.21
N LYS B 196 8.39 19.11 -6.56
CA LYS B 196 7.34 18.12 -6.71
C LYS B 196 6.50 17.95 -5.44
N ARG B 197 5.29 17.42 -5.59
CA ARG B 197 4.42 17.22 -4.43
C ARG B 197 3.88 15.82 -4.55
N GLY B 198 3.00 15.42 -3.64
CA GLY B 198 2.44 14.08 -3.71
C GLY B 198 2.38 13.38 -2.37
N ASP B 199 1.32 12.64 -2.11
CA ASP B 199 1.20 11.95 -0.82
C ASP B 199 0.03 11.00 -0.90
N ALA B 200 -0.01 10.05 0.04
CA ALA B 200 -1.15 9.15 0.15
C ALA B 200 -2.10 10.03 0.95
N CYS B 201 -3.35 9.61 1.12
CA CYS B 201 -4.32 10.43 1.85
C CYS B 201 -5.37 9.56 2.50
N GLU B 202 -6.38 10.20 3.09
CA GLU B 202 -7.48 9.48 3.72
C GLU B 202 -8.03 8.49 2.69
N GLY B 203 -8.21 7.25 3.11
CA GLY B 203 -8.72 6.22 2.22
C GLY B 203 -7.63 5.38 1.56
N ASP B 204 -6.37 5.81 1.65
CA ASP B 204 -5.28 5.03 1.03
C ASP B 204 -4.61 4.09 2.04
N SER B 205 -4.98 4.24 3.30
CA SER B 205 -4.42 3.42 4.38
C SER B 205 -4.49 1.93 4.00
N GLY B 206 -3.43 1.22 4.34
CA GLY B 206 -3.42 -0.21 4.06
C GLY B 206 -2.88 -0.57 2.69
N GLY B 207 -2.80 0.41 1.80
CA GLY B 207 -2.29 0.17 0.45
C GLY B 207 -0.76 -0.03 0.42
N PRO B 208 -0.20 -0.51 -0.68
CA PRO B 208 1.26 -0.73 -0.75
C PRO B 208 2.15 0.43 -1.23
N PHE B 209 3.41 0.38 -0.77
CA PHE B 209 4.49 1.30 -1.17
C PHE B 209 5.46 0.25 -1.75
N VAL B 210 5.63 0.28 -3.06
CA VAL B 210 6.44 -0.70 -3.75
C VAL B 210 7.65 -0.09 -4.43
N MET B 211 8.68 -0.91 -4.62
CA MET B 211 9.89 -0.49 -5.27
C MET B 211 10.26 -1.57 -6.28
N LYS B 212 10.79 -1.14 -7.42
CA LYS B 212 11.17 -2.09 -8.44
C LYS B 212 12.68 -2.36 -8.30
N SER B 213 13.01 -3.58 -7.93
CA SER B 213 14.40 -3.98 -7.76
C SER B 213 15.14 -3.92 -9.10
N PRO B 214 16.24 -3.17 -9.15
CA PRO B 214 17.00 -3.11 -10.40
C PRO B 214 17.90 -4.36 -10.52
N PHE B 215 17.94 -5.15 -9.45
CA PHE B 215 18.77 -6.35 -9.38
C PHE B 215 18.11 -7.60 -10.01
N ASN B 216 16.80 -7.76 -9.84
CA ASN B 216 16.14 -8.90 -10.46
C ASN B 216 14.82 -8.51 -11.18
N ASN B 217 14.61 -7.19 -11.34
CA ASN B 217 13.41 -6.66 -12.02
C ASN B 217 12.04 -6.93 -11.41
N ARG B 218 12.01 -7.37 -10.17
CA ARG B 218 10.74 -7.67 -9.52
C ARG B 218 10.30 -6.52 -8.63
N TRP B 219 8.99 -6.36 -8.50
CA TRP B 219 8.44 -5.35 -7.62
C TRP B 219 8.31 -5.96 -6.22
N TYR B 220 8.76 -5.19 -5.23
CA TYR B 220 8.73 -5.56 -3.83
C TYR B 220 7.92 -4.56 -3.04
N GLN B 221 7.14 -5.07 -2.11
CA GLN B 221 6.36 -4.23 -1.24
C GLN B 221 7.21 -3.91 0.00
N MET B 222 7.75 -2.70 0.02
CA MET B 222 8.59 -2.23 1.12
C MET B 222 7.79 -1.61 2.27
N GLY B 223 6.62 -1.06 1.96
CA GLY B 223 5.86 -0.48 3.05
C GLY B 223 4.35 -0.57 2.87
N ILE B 224 3.61 -0.15 3.91
CA ILE B 224 2.15 -0.14 3.92
C ILE B 224 1.74 1.28 4.33
N VAL B 225 0.78 1.88 3.62
CA VAL B 225 0.32 3.23 3.99
C VAL B 225 -0.22 3.14 5.41
N SER B 226 0.43 3.88 6.32
CA SER B 226 0.09 3.80 7.74
C SER B 226 -0.53 5.04 8.35
N TRP B 227 0.22 6.14 8.37
CA TRP B 227 -0.32 7.36 8.92
C TRP B 227 0.28 8.61 8.34
N GLY B 228 -0.37 9.74 8.66
CA GLY B 228 0.06 11.05 8.24
C GLY B 228 -0.77 12.09 9.00
N GLU B 229 -0.38 13.35 8.88
CA GLU B 229 -1.11 14.44 9.52
C GLU B 229 -1.61 15.28 8.35
N GLY B 230 -2.86 15.05 7.98
CA GLY B 230 -3.40 15.74 6.83
C GLY B 230 -2.77 15.03 5.63
N CYS B 231 -2.78 15.68 4.47
CA CYS B 231 -2.23 15.11 3.23
C CYS B 231 -1.48 16.16 2.41
N ASP B 232 -0.28 15.80 1.95
CA ASP B 232 0.55 16.66 1.09
C ASP B 232 0.86 18.07 1.61
N ARG B 233 0.94 18.23 2.92
CA ARG B 233 1.28 19.54 3.48
C ARG B 233 2.79 19.74 3.38
N ASP B 234 3.23 20.98 3.13
CA ASP B 234 4.67 21.25 3.07
C ASP B 234 5.32 20.95 4.41
N GLY B 235 6.43 20.24 4.40
CA GLY B 235 7.10 19.96 5.65
C GLY B 235 6.58 18.73 6.37
N LYS B 236 5.56 18.09 5.81
CA LYS B 236 5.01 16.87 6.41
C LYS B 236 5.27 15.72 5.45
N TYR B 237 5.25 14.50 5.98
CA TYR B 237 5.53 13.33 5.17
C TYR B 237 4.59 12.20 5.51
N GLY B 238 4.48 11.24 4.59
CA GLY B 238 3.63 10.10 4.83
C GLY B 238 4.44 9.04 5.55
N PHE B 239 3.79 8.32 6.46
CA PHE B 239 4.49 7.27 7.16
C PHE B 239 3.98 5.93 6.72
N TYR B 240 4.92 5.00 6.63
CA TYR B 240 4.63 3.66 6.16
C TYR B 240 5.18 2.59 7.06
N THR B 241 4.42 1.50 7.19
CA THR B 241 4.85 0.36 7.98
C THR B 241 6.06 -0.25 7.27
N HIS B 242 7.13 -0.51 8.04
CA HIS B 242 8.37 -1.08 7.47
C HIS B 242 8.17 -2.60 7.34
N VAL B 243 7.76 -3.04 6.16
CA VAL B 243 7.47 -4.45 5.96
C VAL B 243 8.61 -5.43 6.30
N PHE B 244 9.82 -5.13 5.83
CA PHE B 244 10.91 -6.05 6.10
C PHE B 244 11.17 -6.27 7.59
N ARG B 245 10.98 -5.22 8.38
CA ARG B 245 11.22 -5.31 9.81
C ARG B 245 10.21 -6.18 10.50
N LEU B 246 9.07 -6.43 9.85
CA LEU B 246 8.04 -7.26 10.46
C LEU B 246 7.91 -8.60 9.73
N LYS B 247 8.91 -8.91 8.91
CA LYS B 247 8.93 -10.14 8.14
C LYS B 247 8.82 -11.43 8.96
N LYS B 248 9.46 -11.46 10.13
CA LYS B 248 9.40 -12.65 10.96
C LYS B 248 7.94 -12.98 11.30
N TRP B 249 7.19 -11.96 11.72
CA TRP B 249 5.79 -12.21 12.05
C TRP B 249 5.00 -12.64 10.82
N ILE B 250 5.23 -11.97 9.70
CA ILE B 250 4.51 -12.32 8.48
C ILE B 250 4.71 -13.80 8.14
N GLN B 251 5.97 -14.24 8.16
CA GLN B 251 6.29 -15.63 7.86
C GLN B 251 5.59 -16.57 8.82
N LYS B 252 5.59 -16.22 10.10
CA LYS B 252 4.95 -17.07 11.11
C LYS B 252 3.49 -17.33 10.79
N VAL B 253 2.78 -16.27 10.40
CA VAL B 253 1.37 -16.39 10.08
C VAL B 253 1.13 -17.28 8.89
N ILE B 254 1.87 -17.04 7.82
CA ILE B 254 1.69 -17.83 6.64
C ILE B 254 2.03 -19.31 6.92
N ASP B 255 3.16 -19.54 7.58
CA ASP B 255 3.56 -20.92 7.92
C ASP B 255 2.61 -21.59 8.90
N GLN B 256 2.18 -20.85 9.92
CA GLN B 256 1.28 -21.40 10.93
C GLN B 256 -0.17 -21.54 10.49
N PHE B 257 -0.63 -20.68 9.59
CA PHE B 257 -2.03 -20.78 9.18
C PHE B 257 -2.38 -21.12 7.73
N GLY B 258 -1.38 -21.45 6.91
CA GLY B 258 -1.68 -21.88 5.55
C GLY B 258 -1.36 -21.12 4.30
N GLU B 259 -1.93 -21.63 3.20
CA GLU B 259 -1.79 -21.11 1.84
C GLU B 259 -0.43 -20.50 1.47
N PRO C 3 -8.80 11.60 9.21
CA PRO C 3 -9.14 13.05 9.37
C PRO C 3 -9.01 13.38 10.89
#